data_7ZBV
#
_entry.id   7ZBV
#
_cell.length_a   60.267
_cell.length_b   77.787
_cell.length_c   97.319
_cell.angle_alpha   90.000
_cell.angle_beta   90.000
_cell.angle_gamma   90.000
#
_symmetry.space_group_name_H-M   'P 21 21 21'
#
loop_
_entity.id
_entity.type
_entity.pdbx_description
1 polymer 'Collagenase ColG'
2 non-polymer 'ZINC ION'
3 non-polymer '[6,7-bis(chloranyl)-3-phosphono-quinoxalin-2-yl]phosphonic acid'
4 non-polymer TRIS-HYDROXYMETHYL-METHYL-AMMONIUM
5 non-polymer 'CALCIUM ION'
6 water water
#
_entity_poly.entity_id   1
_entity_poly.type   'polypeptide(L)'
_entity_poly.pdbx_seq_one_letter_code
;MGSSHHHHHHSSGENLYFQGGTDHDKFLDDAEKHYLPKTYTFDNGTFIIRAGDKVSEEKIKRLYWASREVKSQFHRVVGN
DKALEVGNADDVLTMKIFNSPEEYKFNTNINGVSTDNGGLYIEPRGTFYTYERTPQQSIFSLEELFRHEYTHYLQARYLV
DGLWGQGPFYEKNRLTWFDEGTAEFFAGSTRTSGVLPRKLILGYLAKDKVDHRYSLKKTLNSGYDDSDWMFYNYGFAVAH
YLYEKDMPTFIKMNKAILNTDVKSYDEIIKKLSDDANKNTEYQNHIQELVDKYQGAGIPLVSDDYLKDHGYKKASEVYSE
ISKAASLTNTSVTAEKSQYFNTFTLRGTYTGETSKGEFKDWDEMSKKLDGTLESLAKNSWSGYKTLTAYFTNYRVTSDNK
VQYDVVFHGVLTDNG
;
_entity_poly.pdbx_strand_id   A
#
loop_
_chem_comp.id
_chem_comp.type
_chem_comp.name
_chem_comp.formula
144 non-polymer TRIS-HYDROXYMETHYL-METHYL-AMMONIUM 'C4 H12 N O3 1'
CA non-polymer 'CALCIUM ION' 'Ca 2'
ITO non-polymer '[6,7-bis(chloranyl)-3-phosphono-quinoxalin-2-yl]phosphonic acid' 'C8 H6 Cl2 N2 O6 P2'
ZN non-polymer 'ZINC ION' 'Zn 2'
#
# COMPACT_ATOMS: atom_id res chain seq x y z
N ASP A 25 23.32 22.81 11.85
CA ASP A 25 24.69 22.92 12.37
C ASP A 25 25.46 21.70 11.88
N LYS A 26 26.79 21.84 11.72
CA LYS A 26 27.64 20.68 11.53
C LYS A 26 27.54 19.71 12.70
N PHE A 27 27.10 20.19 13.88
CA PHE A 27 26.93 19.35 15.05
C PHE A 27 25.75 18.39 14.88
N LEU A 28 24.71 18.82 14.18
CA LEU A 28 23.56 17.96 13.95
C LEU A 28 23.80 16.97 12.82
N ASP A 29 24.39 17.38 11.69
CA ASP A 29 24.71 16.39 10.66
C ASP A 29 25.69 15.36 11.19
N ASP A 30 26.66 15.79 12.01
CA ASP A 30 27.58 14.85 12.65
C ASP A 30 26.80 13.80 13.44
N ALA A 31 25.85 14.24 14.27
CA ALA A 31 25.04 13.29 15.03
C ALA A 31 24.24 12.39 14.09
N GLU A 32 23.64 12.96 13.04
CA GLU A 32 22.83 12.15 12.12
C GLU A 32 23.65 11.08 11.43
N LYS A 33 24.88 11.40 11.00
CA LYS A 33 25.78 10.39 10.45
C LYS A 33 26.02 9.25 11.43
N HIS A 34 26.16 9.58 12.72
CA HIS A 34 26.40 8.55 13.73
C HIS A 34 25.18 7.68 13.95
N TYR A 35 23.99 8.27 13.94
CA TYR A 35 22.77 7.49 14.20
C TYR A 35 22.24 6.79 12.96
N LEU A 36 22.59 7.29 11.77
CA LEU A 36 22.14 6.70 10.50
C LEU A 36 23.35 6.58 9.58
N PRO A 37 24.31 5.74 9.92
CA PRO A 37 25.54 5.66 9.11
C PRO A 37 25.42 4.90 7.80
N LYS A 38 24.44 4.03 7.65
CA LYS A 38 24.32 3.17 6.49
C LYS A 38 23.31 3.77 5.51
N THR A 39 23.61 3.68 4.21
CA THR A 39 22.71 4.15 3.15
C THR A 39 22.49 3.04 2.12
N TYR A 40 21.23 2.76 1.80
CA TYR A 40 20.86 1.70 0.89
C TYR A 40 19.97 2.28 -0.19
N THR A 41 20.33 2.06 -1.44
CA THR A 41 19.67 2.73 -2.55
C THR A 41 18.99 1.70 -3.44
N PHE A 42 17.74 1.97 -3.80
CA PHE A 42 16.93 1.08 -4.61
C PHE A 42 16.27 1.88 -5.73
N ASP A 43 15.88 1.19 -6.80
CA ASP A 43 15.04 1.78 -7.84
C ASP A 43 15.69 3.00 -8.49
N ASN A 44 16.96 2.85 -8.89
CA ASN A 44 17.70 3.93 -9.57
C ASN A 44 17.73 5.19 -8.74
N GLY A 45 17.80 5.04 -7.42
CA GLY A 45 17.90 6.19 -6.53
C GLY A 45 16.61 6.85 -6.15
N THR A 46 15.45 6.22 -6.38
CA THR A 46 14.19 6.84 -5.99
C THR A 46 13.60 6.30 -4.69
N PHE A 47 14.23 5.30 -4.05
CA PHE A 47 13.82 4.69 -2.77
C PHE A 47 15.10 4.56 -1.97
N ILE A 48 15.34 5.47 -1.01
CA ILE A 48 16.59 5.47 -0.23
C ILE A 48 16.28 5.18 1.22
N ILE A 49 16.99 4.23 1.81
CA ILE A 49 16.90 3.98 3.24
C ILE A 49 18.23 4.35 3.88
N ARG A 50 18.18 5.20 4.90
CA ARG A 50 19.29 5.46 5.80
C ARG A 50 18.96 4.80 7.13
N ALA A 51 19.92 4.08 7.70
CA ALA A 51 19.56 3.29 8.86
C ALA A 51 20.73 3.18 9.82
N GLY A 52 20.39 2.94 11.09
CA GLY A 52 21.40 2.73 12.09
C GLY A 52 22.19 1.46 11.86
N ASP A 53 23.37 1.41 12.49
CA ASP A 53 24.25 0.26 12.28
C ASP A 53 23.72 -1.04 12.86
N LYS A 54 22.67 -1.02 13.67
CA LYS A 54 22.05 -2.23 14.22
C LYS A 54 20.88 -2.74 13.38
N VAL A 55 20.52 -2.05 12.31
CA VAL A 55 19.39 -2.47 11.47
C VAL A 55 19.92 -3.45 10.44
N SER A 56 19.37 -4.66 10.43
CA SER A 56 19.97 -5.71 9.59
C SER A 56 19.76 -5.46 8.10
N GLU A 57 20.69 -5.95 7.30
CA GLU A 57 20.55 -5.84 5.86
C GLU A 57 19.38 -6.67 5.36
N GLU A 58 19.13 -7.81 6.02
CA GLU A 58 17.94 -8.60 5.75
C GLU A 58 16.67 -7.77 5.90
N LYS A 59 16.57 -6.99 6.99
CA LYS A 59 15.37 -6.18 7.19
C LYS A 59 15.22 -5.12 6.12
N ILE A 60 16.32 -4.52 5.70
CA ILE A 60 16.32 -3.54 4.61
C ILE A 60 15.70 -4.16 3.35
N LYS A 61 16.18 -5.35 2.97
CA LYS A 61 15.64 -6.01 1.79
C LYS A 61 14.14 -6.28 1.93
N ARG A 62 13.70 -6.72 3.13
CA ARG A 62 12.28 -6.99 3.33
C ARG A 62 11.44 -5.76 3.13
N LEU A 63 11.97 -4.60 3.51
CA LEU A 63 11.18 -3.37 3.41
C LEU A 63 11.02 -2.93 1.97
N TYR A 64 12.08 -3.09 1.16
CA TYR A 64 11.97 -2.82 -0.26
C TYR A 64 10.88 -3.68 -0.87
N TRP A 65 10.91 -4.99 -0.60
CA TRP A 65 9.94 -5.85 -1.26
C TRP A 65 8.54 -5.62 -0.71
N ALA A 66 8.41 -5.25 0.56
CA ALA A 66 7.09 -4.90 1.11
C ALA A 66 6.50 -3.71 0.39
N SER A 67 7.34 -2.73 0.08
CA SER A 67 6.84 -1.55 -0.61
C SER A 67 6.18 -1.94 -1.92
N ARG A 68 6.75 -2.91 -2.62
CA ARG A 68 6.22 -3.33 -3.91
C ARG A 68 4.91 -4.10 -3.77
N GLU A 69 4.74 -4.90 -2.71
CA GLU A 69 3.45 -5.57 -2.52
C GLU A 69 2.35 -4.57 -2.24
N VAL A 70 2.64 -3.56 -1.43
CA VAL A 70 1.64 -2.56 -1.08
C VAL A 70 1.34 -1.69 -2.30
N LYS A 71 2.38 -1.23 -2.97
CA LYS A 71 2.20 -0.43 -4.16
C LYS A 71 1.31 -1.12 -5.18
N SER A 72 1.48 -2.42 -5.34
CA SER A 72 0.70 -3.13 -6.37
C SER A 72 -0.79 -3.19 -6.04
N GLN A 73 -1.13 -3.55 -4.81
CA GLN A 73 -2.54 -3.55 -4.43
C GLN A 73 -3.13 -2.14 -4.53
N PHE A 74 -2.40 -1.13 -4.06
CA PHE A 74 -2.93 0.24 -4.09
C PHE A 74 -3.27 0.66 -5.52
N HIS A 75 -2.39 0.38 -6.48
CA HIS A 75 -2.70 0.83 -7.84
C HIS A 75 -3.86 0.03 -8.43
N ARG A 76 -4.03 -1.22 -8.04
CA ARG A 76 -5.19 -1.97 -8.50
C ARG A 76 -6.48 -1.30 -8.04
N VAL A 77 -6.54 -0.91 -6.78
CA VAL A 77 -7.78 -0.33 -6.26
C VAL A 77 -8.01 1.05 -6.82
N VAL A 78 -6.97 1.87 -6.83
CA VAL A 78 -7.15 3.26 -7.22
C VAL A 78 -7.25 3.45 -8.72
N GLY A 79 -6.58 2.62 -9.50
CA GLY A 79 -6.66 2.73 -10.94
C GLY A 79 -5.69 3.71 -11.56
N ASN A 80 -4.84 4.37 -10.77
CA ASN A 80 -3.87 5.33 -11.30
C ASN A 80 -2.48 5.02 -10.77
N ASP A 81 -1.46 5.06 -11.67
CA ASP A 81 -0.07 4.96 -11.26
C ASP A 81 0.83 6.10 -11.76
N LYS A 82 0.26 7.25 -12.11
CA LYS A 82 1.03 8.43 -12.50
C LYS A 82 0.99 9.48 -11.40
N ALA A 83 2.17 9.96 -11.01
CA ALA A 83 2.22 10.97 -9.98
C ALA A 83 1.34 12.14 -10.39
N LEU A 84 0.61 12.68 -9.42
CA LEU A 84 -0.39 13.71 -9.71
C LEU A 84 0.25 15.05 -10.02
N GLU A 85 1.39 15.33 -9.43
CA GLU A 85 2.07 16.60 -9.62
C GLU A 85 3.50 16.32 -10.07
N VAL A 86 4.13 17.35 -10.62
CA VAL A 86 5.46 17.24 -11.20
C VAL A 86 6.44 17.95 -10.26
N GLY A 87 7.54 17.27 -9.94
CA GLY A 87 8.63 17.91 -9.22
C GLY A 87 8.43 18.02 -7.73
N ASN A 88 7.60 17.17 -7.15
CA ASN A 88 7.43 17.15 -5.70
C ASN A 88 8.61 16.41 -5.06
N ALA A 89 8.81 16.68 -3.77
CA ALA A 89 9.85 15.97 -3.02
C ALA A 89 9.74 14.46 -3.18
N ASP A 90 8.52 13.95 -3.27
CA ASP A 90 8.35 12.51 -3.16
C ASP A 90 8.64 11.79 -4.45
N ASP A 91 9.19 12.48 -5.47
CA ASP A 91 9.89 11.78 -6.55
C ASP A 91 10.96 10.85 -6.01
N VAL A 92 11.55 11.20 -4.86
CA VAL A 92 12.44 10.33 -4.09
C VAL A 92 11.79 10.07 -2.74
N LEU A 93 11.62 8.81 -2.39
CA LEU A 93 11.19 8.43 -1.06
C LEU A 93 12.43 8.07 -0.24
N THR A 94 12.55 8.72 0.90
CA THR A 94 13.64 8.54 1.85
C THR A 94 13.04 8.00 3.13
N MET A 95 13.59 6.92 3.62
CA MET A 95 13.20 6.33 4.87
C MET A 95 14.42 6.45 5.79
N LYS A 96 14.21 6.94 7.00
CA LYS A 96 15.24 6.99 8.04
C LYS A 96 14.85 6.12 9.22
N ILE A 97 15.69 5.13 9.53
CA ILE A 97 15.35 4.09 10.49
C ILE A 97 16.40 4.12 11.60
N PHE A 98 16.06 4.68 12.76
CA PHE A 98 16.95 4.65 13.91
C PHE A 98 16.99 3.24 14.52
N ASN A 99 18.02 3.00 15.34
CA ASN A 99 18.24 1.66 15.86
C ASN A 99 17.21 1.19 16.88
N SER A 100 16.49 2.09 17.52
CA SER A 100 15.75 1.74 18.72
C SER A 100 14.83 2.91 19.06
N PRO A 101 13.81 2.68 19.90
CA PRO A 101 12.95 3.80 20.30
C PRO A 101 13.70 4.90 21.00
N GLU A 102 14.80 4.57 21.67
CA GLU A 102 15.57 5.56 22.42
C GLU A 102 16.34 6.47 21.49
N GLU A 103 17.02 5.91 20.49
CA GLU A 103 17.74 6.75 19.55
C GLU A 103 16.82 7.49 18.60
N TYR A 104 15.61 6.97 18.37
CA TYR A 104 14.62 7.69 17.57
C TYR A 104 14.36 9.11 18.10
N LYS A 105 14.37 9.29 19.42
CA LYS A 105 13.99 10.57 19.99
C LYS A 105 14.95 11.69 19.55
N PHE A 106 16.17 11.36 19.15
CA PHE A 106 17.08 12.37 18.61
C PHE A 106 16.60 12.94 17.29
N ASN A 107 15.64 12.29 16.63
CA ASN A 107 15.12 12.82 15.38
C ASN A 107 14.48 14.20 15.57
N THR A 108 13.92 14.47 16.75
CA THR A 108 13.32 15.79 16.93
C THR A 108 14.36 16.90 16.88
N ASN A 109 15.49 16.69 17.56
CA ASN A 109 16.57 17.66 17.51
C ASN A 109 17.18 17.72 16.13
N ILE A 110 17.30 16.59 15.45
CA ILE A 110 18.03 16.52 14.20
C ILE A 110 17.21 17.08 13.04
N ASN A 111 15.95 16.68 12.92
CA ASN A 111 15.16 17.04 11.73
C ASN A 111 13.89 17.78 12.09
N GLY A 112 13.64 18.03 13.37
CA GLY A 112 12.67 19.04 13.76
C GLY A 112 11.24 18.60 13.71
N VAL A 113 10.99 17.31 13.85
CA VAL A 113 9.64 16.79 13.75
C VAL A 113 9.39 15.99 15.03
N SER A 114 8.13 15.70 15.27
CA SER A 114 7.74 15.01 16.49
C SER A 114 8.22 13.57 16.49
N THR A 115 8.66 13.10 17.65
CA THR A 115 8.99 11.70 17.87
C THR A 115 8.02 11.03 18.84
N ASP A 116 6.87 11.65 19.11
CA ASP A 116 5.86 11.08 20.00
C ASP A 116 4.92 10.21 19.15
N ASN A 117 5.49 9.11 18.65
CA ASN A 117 4.82 8.24 17.69
C ASN A 117 5.73 7.05 17.45
N GLY A 118 5.22 6.07 16.71
CA GLY A 118 6.04 4.97 16.25
C GLY A 118 6.75 5.23 14.94
N GLY A 119 6.53 6.39 14.34
CA GLY A 119 7.01 6.75 13.01
C GLY A 119 6.15 7.85 12.43
N LEU A 120 6.66 8.50 11.39
CA LEU A 120 6.00 9.68 10.84
C LEU A 120 6.43 9.91 9.40
N TYR A 121 5.45 10.14 8.53
CA TYR A 121 5.68 10.44 7.12
C TYR A 121 5.40 11.92 6.90
N ILE A 122 6.38 12.63 6.35
CA ILE A 122 6.29 14.06 6.10
C ILE A 122 6.26 14.26 4.59
N GLU A 123 5.07 14.53 4.02
CA GLU A 123 4.93 14.59 2.56
C GLU A 123 5.84 15.63 1.91
N PRO A 124 5.95 16.86 2.42
CA PRO A 124 6.80 17.86 1.72
C PRO A 124 8.27 17.48 1.65
N ARG A 125 8.74 16.54 2.50
CA ARG A 125 10.10 16.01 2.42
C ARG A 125 10.19 14.65 1.76
N GLY A 126 9.07 14.04 1.42
CA GLY A 126 9.11 12.68 0.89
C GLY A 126 9.90 11.78 1.81
N THR A 127 9.78 12.00 3.13
CA THR A 127 10.57 11.27 4.12
C THR A 127 9.72 10.62 5.20
N PHE A 128 10.02 9.35 5.44
CA PHE A 128 9.43 8.57 6.51
C PHE A 128 10.50 8.33 7.57
N TYR A 129 10.19 8.64 8.82
CA TYR A 129 11.11 8.52 9.93
C TYR A 129 10.56 7.48 10.87
N THR A 130 11.41 6.52 11.28
CA THR A 130 10.95 5.51 12.22
C THR A 130 12.14 4.83 12.88
N TYR A 131 11.93 3.63 13.44
CA TYR A 131 12.96 2.94 14.19
C TYR A 131 12.69 1.44 14.24
N GLU A 132 13.76 0.67 14.28
CA GLU A 132 13.70 -0.76 14.53
C GLU A 132 13.36 -1.00 16.01
N ARG A 133 12.68 -2.11 16.27
CA ARG A 133 12.14 -2.35 17.61
C ARG A 133 11.96 -3.85 17.82
N THR A 134 11.98 -4.25 19.09
CA THR A 134 11.82 -5.66 19.38
C THR A 134 10.36 -5.94 19.64
N PRO A 135 9.95 -7.19 19.61
CA PRO A 135 8.55 -7.51 19.98
C PRO A 135 8.20 -7.05 21.39
N GLN A 136 9.19 -6.84 22.28
CA GLN A 136 8.91 -6.35 23.62
C GLN A 136 8.65 -4.86 23.68
N GLN A 137 9.10 -4.12 22.65
CA GLN A 137 8.92 -2.67 22.59
C GLN A 137 7.70 -2.22 21.80
N SER A 138 7.13 -3.09 20.98
CA SER A 138 5.92 -2.72 20.26
C SER A 138 5.22 -3.99 19.80
N ILE A 139 3.91 -3.87 19.64
CA ILE A 139 3.11 -4.91 19.03
C ILE A 139 3.36 -4.98 17.52
N PHE A 140 3.70 -3.87 16.91
CA PHE A 140 3.89 -3.80 15.46
C PHE A 140 5.37 -3.93 15.14
N SER A 141 5.71 -4.90 14.27
CA SER A 141 7.06 -4.93 13.78
C SER A 141 7.34 -3.73 12.88
N LEU A 142 8.62 -3.54 12.54
CA LEU A 142 9.00 -2.45 11.64
C LEU A 142 8.37 -2.63 10.27
N GLU A 143 8.34 -3.85 9.72
CA GLU A 143 7.80 -4.00 8.38
C GLU A 143 6.30 -3.68 8.39
N GLU A 144 5.59 -4.11 9.44
CA GLU A 144 4.15 -3.87 9.49
C GLU A 144 3.85 -2.39 9.59
N LEU A 145 4.60 -1.67 10.41
CA LEU A 145 4.45 -0.23 10.50
C LEU A 145 4.81 0.45 9.19
N PHE A 146 5.85 -0.02 8.52
CA PHE A 146 6.23 0.59 7.26
C PHE A 146 5.14 0.37 6.23
N ARG A 147 4.51 -0.80 6.22
CA ARG A 147 3.45 -1.06 5.26
C ARG A 147 2.32 -0.05 5.40
N HIS A 148 2.01 0.31 6.64
CA HIS A 148 0.97 1.32 6.90
C HIS A 148 1.42 2.69 6.42
N GLU A 149 2.56 3.16 6.89
CA GLU A 149 3.00 4.51 6.56
C GLU A 149 3.34 4.71 5.09
N TYR A 150 3.87 3.68 4.41
CA TYR A 150 4.09 3.76 2.99
C TYR A 150 2.80 4.01 2.23
N THR A 151 1.69 3.49 2.72
CA THR A 151 0.41 3.78 2.10
C THR A 151 0.12 5.29 2.11
N HIS A 152 0.54 6.02 3.15
CA HIS A 152 0.38 7.48 3.11
C HIS A 152 1.22 8.13 2.02
N TYR A 153 2.44 7.62 1.80
CA TYR A 153 3.25 8.12 0.69
C TYR A 153 2.53 7.90 -0.64
N LEU A 154 1.89 6.74 -0.80
CA LEU A 154 1.16 6.46 -2.04
C LEU A 154 -0.06 7.34 -2.19
N GLN A 155 -0.86 7.53 -1.13
CA GLN A 155 -2.05 8.39 -1.20
C GLN A 155 -1.66 9.78 -1.65
N ALA A 156 -0.60 10.31 -1.07
CA ALA A 156 -0.21 11.68 -1.36
C ALA A 156 0.37 11.83 -2.75
N ARG A 157 1.03 10.80 -3.26
CA ARG A 157 1.65 10.91 -4.57
C ARG A 157 0.67 10.61 -5.70
N TYR A 158 -0.20 9.63 -5.52
CA TYR A 158 -1.00 9.08 -6.62
C TYR A 158 -2.50 9.25 -6.47
N LEU A 159 -2.99 9.76 -5.35
CA LEU A 159 -4.44 9.80 -5.15
C LEU A 159 -4.94 11.18 -4.76
N VAL A 160 -4.37 11.81 -3.76
CA VAL A 160 -4.89 13.06 -3.23
C VAL A 160 -4.08 14.20 -3.82
N ASP A 161 -4.67 14.96 -4.74
CA ASP A 161 -3.97 16.09 -5.33
C ASP A 161 -3.65 17.15 -4.28
N GLY A 162 -2.51 17.83 -4.45
CA GLY A 162 -2.07 18.86 -3.53
C GLY A 162 -1.52 18.29 -2.24
N LEU A 163 -1.07 19.17 -1.35
CA LEU A 163 -0.40 18.74 -0.13
C LEU A 163 -1.41 18.25 0.92
N TRP A 164 -0.98 17.25 1.70
CA TRP A 164 -1.80 16.78 2.81
C TRP A 164 -2.11 17.95 3.75
N GLY A 165 -3.32 17.98 4.27
CA GLY A 165 -3.75 19.07 5.12
C GLY A 165 -4.25 20.31 4.41
N GLN A 166 -4.38 20.28 3.08
CA GLN A 166 -4.85 21.42 2.32
C GLN A 166 -6.00 21.04 1.39
N GLY A 167 -6.80 22.03 1.05
CA GLY A 167 -7.88 21.84 0.12
C GLY A 167 -9.14 21.27 0.75
N PRO A 168 -10.16 21.10 -0.07
CA PRO A 168 -11.46 20.67 0.47
C PRO A 168 -11.45 19.27 1.08
N PHE A 169 -10.57 18.37 0.63
CA PHE A 169 -10.56 17.05 1.22
C PHE A 169 -9.90 17.04 2.59
N TYR A 170 -9.32 18.14 3.02
CA TYR A 170 -8.76 18.26 4.37
C TYR A 170 -9.56 19.29 5.16
N GLU A 171 -10.88 19.24 4.98
CA GLU A 171 -11.85 19.97 5.76
C GLU A 171 -12.98 19.00 6.11
N LYS A 172 -13.68 19.30 7.20
CA LYS A 172 -14.85 18.55 7.65
C LYS A 172 -14.53 17.08 7.91
N ASN A 173 -13.27 16.74 8.18
CA ASN A 173 -12.90 15.35 8.46
C ASN A 173 -13.21 14.45 7.27
N ARG A 174 -13.25 15.03 6.06
CA ARG A 174 -13.73 14.28 4.91
C ARG A 174 -12.92 13.00 4.71
N LEU A 175 -11.59 13.09 4.74
CA LEU A 175 -10.72 11.94 4.47
C LEU A 175 -10.02 11.38 5.70
N THR A 176 -10.42 11.77 6.91
CA THR A 176 -9.69 11.25 8.06
C THR A 176 -9.89 9.74 8.24
N TRP A 177 -11.15 9.26 8.18
CA TRP A 177 -11.38 7.81 8.28
C TRP A 177 -10.75 7.08 7.10
N PHE A 178 -10.78 7.69 5.93
CA PHE A 178 -10.29 7.06 4.71
C PHE A 178 -8.77 6.92 4.72
N ASP A 179 -8.07 8.00 5.04
CA ASP A 179 -6.61 7.98 5.00
C ASP A 179 -6.05 6.95 5.96
N GLU A 180 -6.58 6.91 7.20
CA GLU A 180 -6.08 5.96 8.21
C GLU A 180 -6.64 4.56 7.97
N GLY A 181 -7.92 4.47 7.64
CA GLY A 181 -8.52 3.20 7.40
C GLY A 181 -7.91 2.48 6.21
N THR A 182 -7.69 3.18 5.09
CA THR A 182 -7.10 2.52 3.94
C THR A 182 -5.60 2.23 4.14
N ALA A 183 -4.90 3.07 4.93
CA ALA A 183 -3.53 2.72 5.29
C ALA A 183 -3.47 1.44 6.11
N GLU A 184 -4.39 1.28 7.07
CA GLU A 184 -4.44 0.00 7.79
C GLU A 184 -4.78 -1.13 6.86
N PHE A 185 -5.69 -0.86 5.90
CA PHE A 185 -6.13 -1.88 4.94
C PHE A 185 -4.96 -2.33 4.06
N PHE A 186 -4.35 -1.39 3.34
CA PHE A 186 -3.31 -1.73 2.37
C PHE A 186 -2.05 -2.26 3.04
N ALA A 187 -1.90 -2.06 4.37
CA ALA A 187 -0.76 -2.69 5.04
C ALA A 187 -0.89 -4.21 5.01
N GLY A 188 -2.09 -4.72 4.82
CA GLY A 188 -2.31 -6.15 4.65
C GLY A 188 -2.16 -6.67 3.22
N SER A 189 -1.54 -5.87 2.36
CA SER A 189 -1.29 -6.30 0.99
C SER A 189 -0.46 -7.57 0.94
N THR A 190 -0.85 -8.48 0.05
CA THR A 190 -0.10 -9.70 -0.20
C THR A 190 0.39 -9.72 -1.65
N ARG A 191 1.18 -10.75 -1.98
CA ARG A 191 1.70 -10.86 -3.34
C ARG A 191 0.64 -11.36 -4.32
N THR A 192 -0.02 -12.48 -3.99
CA THR A 192 -0.91 -13.14 -4.93
C THR A 192 -2.33 -13.33 -4.41
N SER A 193 -2.67 -12.79 -3.26
CA SER A 193 -4.01 -13.03 -2.70
C SER A 193 -4.74 -11.73 -2.37
N GLY A 194 -4.41 -10.65 -3.07
CA GLY A 194 -5.03 -9.34 -2.83
C GLY A 194 -4.65 -8.78 -1.46
N VAL A 195 -5.63 -8.17 -0.81
CA VAL A 195 -5.44 -7.53 0.49
C VAL A 195 -6.09 -8.42 1.53
N LEU A 196 -5.36 -8.78 2.55
CA LEU A 196 -5.91 -9.61 3.63
C LEU A 196 -5.97 -8.85 4.96
N PRO A 197 -6.88 -9.25 5.84
CA PRO A 197 -6.98 -8.57 7.14
C PRO A 197 -5.84 -8.96 8.04
N ARG A 198 -5.42 -8.02 8.87
CA ARG A 198 -4.29 -8.21 9.76
C ARG A 198 -4.78 -8.56 11.16
N LYS A 199 -4.10 -9.54 11.76
CA LYS A 199 -4.49 -10.04 13.09
C LYS A 199 -4.60 -8.91 14.09
N LEU A 200 -3.68 -7.98 14.04
CA LEU A 200 -3.62 -6.99 15.11
C LEU A 200 -4.81 -6.06 15.06
N ILE A 201 -5.24 -5.68 13.86
CA ILE A 201 -6.41 -4.82 13.70
C ILE A 201 -7.68 -5.58 14.07
N LEU A 202 -7.79 -6.82 13.60
CA LEU A 202 -8.91 -7.65 14.00
C LEU A 202 -8.95 -7.83 15.51
N GLY A 203 -7.79 -7.90 16.17
CA GLY A 203 -7.79 -8.00 17.62
C GLY A 203 -8.43 -6.81 18.31
N TYR A 204 -8.12 -5.60 17.84
CA TYR A 204 -8.75 -4.42 18.43
C TYR A 204 -10.28 -4.46 18.26
N LEU A 205 -10.75 -4.86 17.07
CA LEU A 205 -12.19 -4.95 16.85
C LEU A 205 -12.83 -6.01 17.75
N ALA A 206 -12.14 -7.15 17.92
CA ALA A 206 -12.71 -8.25 18.69
C ALA A 206 -12.82 -7.93 20.18
N LYS A 207 -11.95 -7.08 20.69
CA LYS A 207 -12.00 -6.74 22.10
C LYS A 207 -13.08 -5.71 22.43
N ASP A 208 -13.71 -5.09 21.44
CA ASP A 208 -14.75 -4.11 21.71
C ASP A 208 -16.03 -4.84 22.10
N LYS A 209 -16.82 -4.22 22.96
CA LYS A 209 -18.18 -4.71 23.21
C LYS A 209 -19.00 -4.55 21.95
N VAL A 210 -19.86 -5.52 21.65
CA VAL A 210 -20.56 -5.48 20.37
C VAL A 210 -21.35 -4.18 20.25
N ASP A 211 -22.08 -3.79 21.30
CA ASP A 211 -22.86 -2.58 21.08
C ASP A 211 -22.04 -1.31 21.25
N HIS A 212 -20.72 -1.40 21.37
CA HIS A 212 -19.89 -0.20 21.21
C HIS A 212 -19.25 -0.08 19.83
N ARG A 213 -19.56 -0.99 18.91
CA ARG A 213 -19.08 -0.85 17.54
C ARG A 213 -19.62 0.44 16.91
N TYR A 214 -18.76 1.16 16.17
CA TYR A 214 -19.17 2.40 15.51
C TYR A 214 -20.22 2.11 14.45
N SER A 215 -21.23 2.97 14.34
CA SER A 215 -22.08 2.90 13.16
C SER A 215 -21.29 3.37 11.94
N LEU A 216 -21.80 3.03 10.76
CA LEU A 216 -21.21 3.50 9.52
C LEU A 216 -21.18 5.02 9.51
N LYS A 217 -22.28 5.67 9.88
CA LYS A 217 -22.29 7.13 9.92
C LYS A 217 -21.22 7.69 10.84
N LYS A 218 -21.09 7.13 12.05
CA LYS A 218 -20.10 7.65 13.01
C LYS A 218 -18.68 7.48 12.49
N THR A 219 -18.39 6.34 11.88
CA THR A 219 -17.05 6.15 11.34
C THR A 219 -16.73 7.20 10.28
N LEU A 220 -17.67 7.45 9.36
CA LEU A 220 -17.41 8.34 8.26
C LEU A 220 -17.32 9.80 8.70
N ASN A 221 -17.67 10.12 9.94
CA ASN A 221 -17.49 11.47 10.48
C ASN A 221 -16.46 11.53 11.62
N SER A 222 -15.63 10.51 11.77
CA SER A 222 -14.67 10.52 12.86
C SER A 222 -13.51 11.46 12.52
N GLY A 223 -12.89 12.00 13.57
CA GLY A 223 -11.80 12.93 13.39
C GLY A 223 -10.61 12.57 14.27
N TYR A 224 -9.45 13.15 13.92
CA TYR A 224 -8.26 13.01 14.75
C TYR A 224 -8.47 13.64 16.13
N ASP A 225 -9.38 14.62 16.23
CA ASP A 225 -9.76 15.20 17.51
C ASP A 225 -10.62 14.25 18.35
N ASP A 226 -11.08 13.12 17.79
CA ASP A 226 -11.74 12.10 18.61
C ASP A 226 -10.84 11.73 19.78
N SER A 227 -11.36 11.03 20.76
CA SER A 227 -10.60 10.78 21.96
C SER A 227 -10.04 9.37 22.07
N ASP A 228 -10.41 8.45 21.17
CA ASP A 228 -10.11 7.03 21.38
C ASP A 228 -9.39 6.35 20.22
N TRP A 229 -9.40 6.90 19.02
CA TRP A 229 -8.59 6.36 17.94
C TRP A 229 -8.99 4.96 17.51
N MET A 230 -10.03 4.38 18.13
CA MET A 230 -10.64 3.18 17.58
C MET A 230 -11.14 3.42 16.17
N PHE A 231 -11.25 4.69 15.73
CA PHE A 231 -11.77 4.95 14.39
C PHE A 231 -10.83 4.39 13.34
N TYR A 232 -9.53 4.25 13.66
CA TYR A 232 -8.63 3.64 12.70
C TYR A 232 -9.12 2.27 12.29
N ASN A 233 -9.63 1.54 13.28
CA ASN A 233 -10.02 0.15 13.08
C ASN A 233 -11.40 0.03 12.47
N TYR A 234 -12.32 0.89 12.87
CA TYR A 234 -13.61 0.96 12.18
C TYR A 234 -13.47 1.54 10.78
N GLY A 235 -12.50 2.43 10.55
CA GLY A 235 -12.19 2.88 9.19
C GLY A 235 -11.65 1.77 8.32
N PHE A 236 -10.75 0.97 8.86
CA PHE A 236 -10.34 -0.23 8.15
C PHE A 236 -11.54 -1.11 7.84
N ALA A 237 -12.44 -1.31 8.81
CA ALA A 237 -13.60 -2.15 8.57
C ALA A 237 -14.46 -1.60 7.44
N VAL A 238 -14.61 -0.27 7.35
CA VAL A 238 -15.34 0.27 6.22
C VAL A 238 -14.66 -0.10 4.90
N ALA A 239 -13.37 0.26 4.79
CA ALA A 239 -12.61 -0.04 3.58
C ALA A 239 -12.72 -1.51 3.22
N HIS A 240 -12.59 -2.41 4.21
CA HIS A 240 -12.60 -3.84 3.90
C HIS A 240 -14.00 -4.29 3.51
N TYR A 241 -15.01 -3.67 4.12
CA TYR A 241 -16.36 -3.98 3.75
C TYR A 241 -16.62 -3.58 2.30
N LEU A 242 -16.25 -2.37 1.93
CA LEU A 242 -16.44 -1.97 0.54
C LEU A 242 -15.65 -2.86 -0.39
N TYR A 243 -14.39 -3.11 -0.05
CA TYR A 243 -13.54 -3.98 -0.90
C TYR A 243 -14.20 -5.30 -1.16
N GLU A 244 -14.72 -5.92 -0.11
CA GLU A 244 -15.23 -7.28 -0.21
C GLU A 244 -16.70 -7.33 -0.64
N LYS A 245 -17.53 -6.39 -0.20
CA LYS A 245 -18.96 -6.50 -0.46
C LYS A 245 -19.52 -5.40 -1.35
N ASP A 246 -18.79 -4.31 -1.61
CA ASP A 246 -19.36 -3.27 -2.48
C ASP A 246 -18.23 -2.56 -3.23
N MET A 247 -17.57 -3.32 -4.08
CA MET A 247 -16.44 -2.75 -4.80
C MET A 247 -16.85 -1.61 -5.73
N PRO A 248 -18.03 -1.60 -6.34
CA PRO A 248 -18.44 -0.40 -7.10
C PRO A 248 -18.38 0.87 -6.30
N THR A 249 -18.91 0.86 -5.09
CA THR A 249 -18.85 2.06 -4.27
C THR A 249 -17.39 2.41 -3.99
N PHE A 250 -16.54 1.41 -3.76
CA PHE A 250 -15.14 1.67 -3.41
C PHE A 250 -14.42 2.31 -4.58
N ILE A 251 -14.71 1.83 -5.80
CA ILE A 251 -14.08 2.39 -6.99
C ILE A 251 -14.58 3.81 -7.24
N LYS A 252 -15.90 4.04 -7.08
CA LYS A 252 -16.45 5.37 -7.32
C LYS A 252 -15.87 6.37 -6.33
N MET A 253 -15.66 5.94 -5.09
CA MET A 253 -15.11 6.81 -4.05
C MET A 253 -13.68 7.18 -4.36
N ASN A 254 -12.89 6.20 -4.82
CA ASN A 254 -11.51 6.50 -5.16
C ASN A 254 -11.45 7.37 -6.39
N LYS A 255 -12.34 7.15 -7.36
CA LYS A 255 -12.33 8.00 -8.54
C LYS A 255 -12.72 9.42 -8.17
N ALA A 256 -13.60 9.60 -7.17
CA ALA A 256 -13.96 10.95 -6.78
C ALA A 256 -12.78 11.66 -6.14
N ILE A 257 -12.00 10.95 -5.33
CA ILE A 257 -10.85 11.58 -4.69
C ILE A 257 -9.81 11.92 -5.72
N LEU A 258 -9.53 10.96 -6.63
CA LEU A 258 -8.54 11.13 -7.68
C LEU A 258 -8.83 12.34 -8.54
N ASN A 259 -10.11 12.60 -8.82
CA ASN A 259 -10.51 13.69 -9.70
C ASN A 259 -10.87 14.96 -8.94
N THR A 260 -10.58 14.99 -7.65
CA THR A 260 -10.95 16.08 -6.74
C THR A 260 -12.42 16.48 -6.90
N ASP A 261 -13.29 15.49 -7.05
CA ASP A 261 -14.73 15.68 -7.20
C ASP A 261 -15.36 15.58 -5.82
N VAL A 262 -15.37 16.70 -5.10
CA VAL A 262 -15.89 16.75 -3.75
C VAL A 262 -17.37 16.41 -3.75
N LYS A 263 -18.08 16.85 -4.77
CA LYS A 263 -19.52 16.64 -4.81
C LYS A 263 -19.83 15.16 -4.86
N SER A 264 -19.16 14.42 -5.74
CA SER A 264 -19.38 12.98 -5.82
C SER A 264 -18.98 12.28 -4.54
N TYR A 265 -17.83 12.66 -3.95
CA TYR A 265 -17.44 12.07 -2.67
C TYR A 265 -18.53 12.30 -1.62
N ASP A 266 -19.03 13.54 -1.50
CA ASP A 266 -19.99 13.85 -0.44
C ASP A 266 -21.30 13.10 -0.68
N GLU A 267 -21.69 12.90 -1.93
CA GLU A 267 -22.90 12.14 -2.22
C GLU A 267 -22.74 10.69 -1.77
N ILE A 268 -21.58 10.10 -2.05
CA ILE A 268 -21.34 8.72 -1.63
C ILE A 268 -21.42 8.61 -0.12
N ILE A 269 -20.72 9.50 0.58
CA ILE A 269 -20.71 9.50 2.05
C ILE A 269 -22.12 9.65 2.59
N LYS A 270 -22.87 10.60 2.04
CA LYS A 270 -24.24 10.81 2.52
C LYS A 270 -25.11 9.57 2.30
N LYS A 271 -24.98 8.93 1.14
CA LYS A 271 -25.78 7.74 0.88
C LYS A 271 -25.42 6.61 1.85
N LEU A 272 -24.12 6.40 2.10
CA LEU A 272 -23.71 5.38 3.07
C LEU A 272 -24.19 5.73 4.47
N SER A 273 -24.08 7.00 4.87
CA SER A 273 -24.37 7.39 6.24
C SER A 273 -25.87 7.34 6.58
N ASP A 274 -26.74 7.55 5.61
CA ASP A 274 -28.15 7.71 5.88
C ASP A 274 -28.95 6.43 5.64
N ASP A 275 -28.32 5.36 5.17
CA ASP A 275 -29.01 4.13 4.82
C ASP A 275 -28.85 3.14 5.97
N ALA A 276 -29.98 2.81 6.63
CA ALA A 276 -29.95 1.85 7.73
C ALA A 276 -29.53 0.45 7.29
N ASN A 277 -29.91 0.04 6.09
CA ASN A 277 -29.52 -1.29 5.62
C ASN A 277 -28.02 -1.37 5.34
N LYS A 278 -27.41 -0.25 4.94
CA LYS A 278 -25.98 -0.28 4.65
C LYS A 278 -25.20 -0.43 5.93
N ASN A 279 -25.68 0.21 6.99
CA ASN A 279 -25.05 0.02 8.30
C ASN A 279 -25.22 -1.41 8.81
N THR A 280 -26.39 -2.01 8.63
CA THR A 280 -26.49 -3.38 9.10
C THR A 280 -25.52 -4.28 8.31
N GLU A 281 -25.39 -4.05 7.00
CA GLU A 281 -24.43 -4.81 6.18
C GLU A 281 -23.01 -4.62 6.70
N TYR A 282 -22.67 -3.40 7.08
CA TYR A 282 -21.36 -3.08 7.66
C TYR A 282 -21.17 -3.72 9.02
N GLN A 283 -22.18 -3.64 9.91
CA GLN A 283 -22.08 -4.30 11.20
C GLN A 283 -21.85 -5.78 11.04
N ASN A 284 -22.58 -6.41 10.12
CA ASN A 284 -22.37 -7.84 9.92
C ASN A 284 -21.00 -8.13 9.38
N HIS A 285 -20.41 -7.19 8.63
CA HIS A 285 -19.06 -7.41 8.13
C HIS A 285 -18.04 -7.32 9.26
N ILE A 286 -18.25 -6.39 10.20
CA ILE A 286 -17.41 -6.33 11.37
C ILE A 286 -17.44 -7.66 12.11
N GLN A 287 -18.62 -8.24 12.27
CA GLN A 287 -18.70 -9.53 12.98
C GLN A 287 -17.93 -10.60 12.22
N GLU A 288 -18.02 -10.60 10.87
CA GLU A 288 -17.22 -11.56 10.10
C GLU A 288 -15.73 -11.36 10.34
N LEU A 289 -15.29 -10.09 10.39
CA LEU A 289 -13.87 -9.82 10.65
C LEU A 289 -13.47 -10.32 12.02
N VAL A 290 -14.31 -10.06 13.02
CA VAL A 290 -14.03 -10.46 14.40
C VAL A 290 -13.94 -11.97 14.51
N ASP A 291 -14.82 -12.67 13.81
CA ASP A 291 -14.78 -14.12 13.75
C ASP A 291 -13.49 -14.61 13.12
N LYS A 292 -12.84 -13.81 12.28
CA LYS A 292 -11.62 -14.25 11.61
C LYS A 292 -10.38 -13.92 12.43
N TYR A 293 -10.53 -13.28 13.59
CA TYR A 293 -9.38 -12.81 14.35
C TYR A 293 -8.43 -13.96 14.73
N GLN A 294 -8.97 -15.05 15.26
CA GLN A 294 -8.11 -16.08 15.86
C GLN A 294 -7.07 -16.57 14.86
N GLY A 295 -7.51 -16.91 13.65
CA GLY A 295 -6.66 -17.47 12.63
C GLY A 295 -6.12 -16.47 11.63
N ALA A 296 -6.27 -15.17 11.87
CA ALA A 296 -5.83 -14.17 10.91
C ALA A 296 -4.31 -14.11 10.86
N GLY A 297 -3.79 -13.75 9.69
CA GLY A 297 -2.37 -13.64 9.50
C GLY A 297 -1.85 -12.24 9.72
N ILE A 298 -0.55 -12.10 9.55
CA ILE A 298 0.09 -10.81 9.38
C ILE A 298 0.83 -10.81 8.06
N PRO A 299 0.26 -10.22 7.00
CA PRO A 299 0.97 -10.21 5.71
C PRO A 299 2.31 -9.50 5.82
N LEU A 300 3.38 -10.25 5.54
CA LEU A 300 4.78 -9.81 5.55
C LEU A 300 5.48 -10.54 4.42
N VAL A 301 6.53 -9.94 3.87
CA VAL A 301 7.07 -10.52 2.66
C VAL A 301 7.63 -11.90 2.97
N SER A 302 7.49 -12.79 2.02
CA SER A 302 8.06 -14.13 2.09
C SER A 302 9.58 -14.08 2.14
N ASP A 303 10.16 -15.04 2.86
CA ASP A 303 11.59 -15.34 2.76
C ASP A 303 12.04 -15.67 1.33
N ASP A 304 11.14 -16.15 0.46
CA ASP A 304 11.52 -16.37 -0.95
C ASP A 304 12.20 -15.16 -1.57
N TYR A 305 11.86 -13.94 -1.11
CA TYR A 305 12.46 -12.80 -1.74
C TYR A 305 13.95 -12.69 -1.44
N LEU A 306 14.42 -13.39 -0.41
CA LEU A 306 15.80 -13.29 0.04
C LEU A 306 16.68 -14.39 -0.50
N LYS A 307 16.11 -15.38 -1.17
CA LYS A 307 16.93 -16.48 -1.69
C LYS A 307 17.67 -16.06 -2.96
N ASP A 308 18.81 -16.71 -3.20
CA ASP A 308 19.56 -16.54 -4.44
C ASP A 308 18.84 -17.31 -5.53
N HIS A 309 18.40 -16.60 -6.56
CA HIS A 309 17.48 -17.21 -7.52
C HIS A 309 18.19 -17.88 -8.69
N GLY A 310 19.39 -17.42 -9.01
CA GLY A 310 20.07 -17.98 -10.14
C GLY A 310 19.82 -17.18 -11.39
N TYR A 311 20.72 -17.36 -12.34
CA TYR A 311 20.64 -16.64 -13.60
C TYR A 311 19.40 -17.11 -14.35
N LYS A 312 18.68 -16.15 -14.91
CA LYS A 312 17.66 -16.46 -15.89
C LYS A 312 17.74 -15.37 -16.94
N LYS A 313 17.83 -15.77 -18.21
CA LYS A 313 17.98 -14.81 -19.28
C LYS A 313 16.84 -13.81 -19.28
N ALA A 314 17.18 -12.52 -19.46
CA ALA A 314 16.20 -11.47 -19.20
C ALA A 314 15.00 -11.58 -20.12
N SER A 315 15.26 -11.73 -21.42
CA SER A 315 14.17 -11.75 -22.40
C SER A 315 13.27 -12.97 -22.22
N GLU A 316 13.79 -14.06 -21.63
CA GLU A 316 12.94 -15.19 -21.29
C GLU A 316 11.97 -14.84 -20.17
N VAL A 317 12.42 -14.05 -19.19
CA VAL A 317 11.48 -13.56 -18.18
C VAL A 317 10.38 -12.72 -18.83
N TYR A 318 10.78 -11.78 -19.68
CA TYR A 318 9.76 -10.89 -20.23
C TYR A 318 8.80 -11.67 -21.12
N SER A 319 9.34 -12.59 -21.93
CA SER A 319 8.49 -13.32 -22.84
C SER A 319 7.52 -14.22 -22.09
N GLU A 320 8.01 -14.95 -21.08
CA GLU A 320 7.17 -15.84 -20.31
C GLU A 320 6.07 -15.07 -19.61
N ILE A 321 6.37 -13.90 -19.06
CA ILE A 321 5.36 -13.11 -18.37
C ILE A 321 4.32 -12.59 -19.35
N SER A 322 4.78 -12.00 -20.47
CA SER A 322 3.85 -11.47 -21.48
C SER A 322 2.89 -12.52 -21.99
N LYS A 323 3.37 -13.75 -22.18
CA LYS A 323 2.51 -14.78 -22.71
C LYS A 323 1.49 -15.22 -21.67
N ALA A 324 1.92 -15.42 -20.42
CA ALA A 324 1.01 -15.91 -19.39
C ALA A 324 -0.11 -14.91 -19.13
N ALA A 325 0.19 -13.61 -19.24
CA ALA A 325 -0.76 -12.54 -18.96
C ALA A 325 -1.43 -12.00 -20.21
N SER A 326 -1.11 -12.57 -21.39
CA SER A 326 -1.72 -12.21 -22.67
C SER A 326 -1.56 -10.72 -22.97
N LEU A 327 -0.35 -10.22 -22.78
CA LEU A 327 -0.07 -8.82 -22.99
C LEU A 327 0.37 -8.55 -24.42
N THR A 328 -0.02 -7.38 -24.91
CA THR A 328 0.46 -6.81 -26.14
C THR A 328 1.10 -5.47 -25.84
N ASN A 329 1.76 -4.93 -26.86
CA ASN A 329 2.41 -3.62 -26.80
C ASN A 329 3.20 -3.52 -25.49
N THR A 330 4.09 -4.48 -25.29
CA THR A 330 4.89 -4.51 -24.08
C THR A 330 6.16 -3.67 -24.20
N SER A 331 6.55 -3.10 -23.06
CA SER A 331 7.82 -2.43 -22.86
C SER A 331 8.36 -2.78 -21.46
N VAL A 332 9.67 -2.62 -21.30
CA VAL A 332 10.36 -3.02 -20.09
C VAL A 332 11.42 -1.98 -19.75
N THR A 333 11.58 -1.71 -18.45
CA THR A 333 12.69 -0.90 -17.94
C THR A 333 13.36 -1.69 -16.83
N ALA A 334 14.67 -1.58 -16.73
CA ALA A 334 15.43 -2.24 -15.69
C ALA A 334 16.03 -1.18 -14.76
N GLU A 335 16.10 -1.54 -13.47
CA GLU A 335 16.49 -0.61 -12.41
C GLU A 335 17.54 -1.26 -11.53
N LYS A 336 18.43 -0.44 -10.99
CA LYS A 336 19.53 -0.92 -10.16
C LYS A 336 19.19 -0.63 -8.71
N SER A 337 19.43 -1.62 -7.86
CA SER A 337 19.29 -1.52 -6.42
C SER A 337 20.57 -2.00 -5.75
N GLN A 338 20.66 -1.73 -4.45
CA GLN A 338 21.81 -2.07 -3.63
C GLN A 338 22.27 -3.51 -3.84
N TYR A 339 21.33 -4.45 -3.79
CA TYR A 339 21.63 -5.85 -3.71
C TYR A 339 21.23 -6.65 -4.95
N PHE A 340 20.64 -6.01 -5.94
CA PHE A 340 20.04 -6.76 -7.03
C PHE A 340 19.57 -5.73 -8.02
N ASN A 341 19.20 -6.20 -9.19
CA ASN A 341 18.50 -5.38 -10.15
C ASN A 341 17.07 -5.89 -10.26
N THR A 342 16.21 -5.04 -10.80
CA THR A 342 14.80 -5.38 -10.98
C THR A 342 14.40 -4.93 -12.37
N PHE A 343 13.23 -5.38 -12.79
CA PHE A 343 12.60 -4.90 -14.00
C PHE A 343 11.17 -4.49 -13.71
N THR A 344 10.66 -3.57 -14.51
CA THR A 344 9.24 -3.23 -14.58
C THR A 344 8.75 -3.43 -16.00
N LEU A 345 7.84 -4.38 -16.18
CA LEU A 345 7.25 -4.69 -17.49
C LEU A 345 5.84 -4.14 -17.55
N ARG A 346 5.54 -3.40 -18.62
CA ARG A 346 4.24 -2.79 -18.86
C ARG A 346 3.65 -3.33 -20.16
N GLY A 347 2.36 -3.60 -20.17
CA GLY A 347 1.72 -4.05 -21.38
C GLY A 347 0.24 -3.74 -21.34
N THR A 348 -0.44 -4.07 -22.41
CA THR A 348 -1.89 -3.91 -22.49
C THR A 348 -2.54 -5.27 -22.48
N TYR A 349 -3.59 -5.40 -21.70
CA TYR A 349 -4.43 -6.60 -21.69
C TYR A 349 -5.77 -6.25 -22.28
N THR A 350 -6.25 -7.06 -23.23
CA THR A 350 -7.56 -6.88 -23.82
C THR A 350 -8.29 -8.20 -23.67
N GLY A 351 -9.39 -8.19 -22.93
CA GLY A 351 -10.12 -9.42 -22.65
C GLY A 351 -11.42 -9.55 -23.42
N GLU A 352 -12.40 -10.19 -22.81
CA GLU A 352 -13.67 -10.48 -23.47
C GLU A 352 -14.61 -9.29 -23.29
N THR A 353 -15.88 -9.48 -23.62
CA THR A 353 -16.81 -8.36 -23.59
C THR A 353 -16.98 -7.88 -22.15
N SER A 354 -16.98 -6.57 -21.99
CA SER A 354 -17.09 -5.99 -20.66
C SER A 354 -18.40 -6.36 -20.00
N LYS A 355 -18.31 -6.79 -18.75
CA LYS A 355 -19.45 -6.93 -17.86
C LYS A 355 -19.59 -5.72 -16.94
N GLY A 356 -19.15 -4.55 -17.37
CA GLY A 356 -19.15 -3.34 -16.55
C GLY A 356 -17.86 -3.16 -15.77
N GLU A 357 -17.50 -1.89 -15.53
CA GLU A 357 -16.22 -1.57 -14.89
C GLU A 357 -16.01 -2.31 -13.58
N PHE A 358 -17.07 -2.56 -12.82
CA PHE A 358 -16.89 -3.15 -11.50
C PHE A 358 -16.82 -4.66 -11.57
N LYS A 359 -17.66 -5.32 -12.34
CA LYS A 359 -17.49 -6.76 -12.48
C LYS A 359 -16.20 -7.08 -13.24
N ASP A 360 -15.75 -6.16 -14.11
CA ASP A 360 -14.47 -6.30 -14.79
C ASP A 360 -13.31 -6.33 -13.78
N TRP A 361 -13.25 -5.33 -12.89
CA TRP A 361 -12.27 -5.30 -11.81
C TRP A 361 -12.11 -6.67 -11.14
N ASP A 362 -13.22 -7.26 -10.73
CA ASP A 362 -13.16 -8.49 -9.96
C ASP A 362 -12.53 -9.61 -10.78
N GLU A 363 -12.94 -9.74 -12.04
CA GLU A 363 -12.39 -10.83 -12.84
C GLU A 363 -10.94 -10.56 -13.22
N MET A 364 -10.56 -9.29 -13.43
CA MET A 364 -9.16 -8.98 -13.75
C MET A 364 -8.25 -9.34 -12.58
N SER A 365 -8.66 -9.06 -11.34
CA SER A 365 -7.88 -9.41 -10.16
C SER A 365 -7.67 -10.92 -10.08
N LYS A 366 -8.75 -11.69 -10.23
CA LYS A 366 -8.64 -13.14 -10.22
C LYS A 366 -7.71 -13.66 -11.30
N LYS A 367 -7.80 -13.09 -12.51
CA LYS A 367 -6.92 -13.48 -13.61
C LYS A 367 -5.47 -13.17 -13.29
N LEU A 368 -5.20 -11.97 -12.77
CA LEU A 368 -3.83 -11.57 -12.52
C LEU A 368 -3.22 -12.40 -11.39
N ASP A 369 -3.98 -12.65 -10.31
CA ASP A 369 -3.46 -13.46 -9.21
C ASP A 369 -3.24 -14.90 -9.66
N GLY A 370 -4.15 -15.43 -10.49
CA GLY A 370 -3.93 -16.76 -11.06
C GLY A 370 -2.68 -16.83 -11.91
N THR A 371 -2.44 -15.79 -12.72
CA THR A 371 -1.24 -15.73 -13.55
C THR A 371 0.01 -15.68 -12.66
N LEU A 372 0.02 -14.81 -11.65
CA LEU A 372 1.15 -14.80 -10.71
C LEU A 372 1.35 -16.16 -10.07
N GLU A 373 0.28 -16.84 -9.74
CA GLU A 373 0.46 -18.12 -9.05
C GLU A 373 0.88 -19.21 -10.02
N SER A 374 0.49 -19.09 -11.28
CA SER A 374 0.95 -20.05 -12.27
C SER A 374 2.46 -19.87 -12.50
N LEU A 375 2.91 -18.62 -12.64
CA LEU A 375 4.32 -18.36 -12.87
C LEU A 375 5.18 -18.83 -11.72
N ALA A 376 4.66 -18.79 -10.50
CA ALA A 376 5.46 -19.20 -9.35
C ALA A 376 5.54 -20.71 -9.18
N LYS A 377 4.76 -21.48 -9.95
CA LYS A 377 4.92 -22.94 -9.99
C LYS A 377 6.12 -23.35 -10.84
N ASN A 378 6.68 -22.41 -11.61
CA ASN A 378 7.90 -22.56 -12.39
C ASN A 378 9.11 -22.81 -11.48
N SER A 379 10.12 -23.49 -12.03
CA SER A 379 11.30 -23.81 -11.24
C SER A 379 12.13 -22.58 -10.89
N TRP A 380 11.92 -21.45 -11.57
CA TRP A 380 12.76 -20.28 -11.32
C TRP A 380 12.20 -19.57 -10.11
N SER A 381 12.96 -19.56 -9.02
CA SER A 381 12.49 -18.91 -7.81
C SER A 381 12.32 -17.41 -8.02
N GLY A 382 12.91 -16.84 -9.08
CA GLY A 382 12.75 -15.41 -9.31
C GLY A 382 11.30 -15.03 -9.53
N TYR A 383 10.48 -15.96 -9.99
CA TYR A 383 9.06 -15.66 -10.19
C TYR A 383 8.32 -15.48 -8.88
N LYS A 384 8.91 -15.90 -7.76
CA LYS A 384 8.33 -15.64 -6.45
C LYS A 384 8.52 -14.20 -6.01
N THR A 385 9.25 -13.37 -6.75
CA THR A 385 9.40 -11.96 -6.40
C THR A 385 8.46 -11.04 -7.17
N LEU A 386 7.58 -11.59 -8.00
CA LEU A 386 6.78 -10.79 -8.90
C LEU A 386 5.60 -10.16 -8.17
N THR A 387 5.35 -8.90 -8.48
CA THR A 387 4.13 -8.24 -8.10
C THR A 387 3.52 -7.66 -9.38
N ALA A 388 2.22 -7.42 -9.36
CA ALA A 388 1.57 -6.96 -10.56
C ALA A 388 0.32 -6.18 -10.19
N TYR A 389 0.03 -5.17 -11.00
CA TYR A 389 -1.22 -4.45 -10.92
C TYR A 389 -1.75 -4.12 -12.32
N PHE A 390 -2.99 -3.64 -12.34
CA PHE A 390 -3.65 -3.13 -13.53
C PHE A 390 -4.22 -1.75 -13.23
N THR A 391 -4.33 -0.94 -14.28
CA THR A 391 -4.77 0.45 -14.16
C THR A 391 -5.39 0.91 -15.48
N ASN A 392 -5.94 2.13 -15.45
CA ASN A 392 -6.49 2.82 -16.62
C ASN A 392 -7.52 1.99 -17.36
N TYR A 393 -8.53 1.56 -16.63
CA TYR A 393 -9.62 0.81 -17.21
C TYR A 393 -10.26 1.60 -18.34
N ARG A 394 -10.76 0.87 -19.33
CA ARG A 394 -11.51 1.39 -20.44
C ARG A 394 -12.09 0.18 -21.14
N VAL A 395 -13.14 0.40 -21.91
CA VAL A 395 -13.70 -0.63 -22.78
C VAL A 395 -13.40 -0.21 -24.20
N THR A 396 -13.29 -1.20 -25.08
CA THR A 396 -13.03 -0.99 -26.49
C THR A 396 -14.33 -0.71 -27.23
N SER A 397 -14.19 -0.30 -28.50
CA SER A 397 -15.35 -0.09 -29.35
C SER A 397 -16.18 -1.36 -29.51
N ASP A 398 -15.55 -2.52 -29.41
CA ASP A 398 -16.25 -3.79 -29.36
C ASP A 398 -16.68 -4.17 -27.98
N ASN A 399 -16.71 -3.19 -27.06
CA ASN A 399 -17.14 -3.39 -25.68
C ASN A 399 -16.29 -4.46 -24.97
N LYS A 400 -14.99 -4.44 -25.23
CA LYS A 400 -14.08 -5.42 -24.67
C LYS A 400 -13.30 -4.77 -23.54
N VAL A 401 -13.17 -5.49 -22.43
CA VAL A 401 -12.37 -5.03 -21.29
C VAL A 401 -10.94 -4.74 -21.73
N GLN A 402 -10.39 -3.61 -21.29
CA GLN A 402 -8.99 -3.33 -21.55
C GLN A 402 -8.30 -2.57 -20.41
N TYR A 403 -7.06 -2.99 -20.11
CA TYR A 403 -6.27 -2.45 -19.01
C TYR A 403 -4.81 -2.32 -19.40
N ASP A 404 -4.12 -1.35 -18.80
CA ASP A 404 -2.66 -1.40 -18.71
C ASP A 404 -2.29 -2.30 -17.55
N VAL A 405 -1.30 -3.18 -17.76
CA VAL A 405 -0.91 -4.17 -16.77
C VAL A 405 0.58 -4.00 -16.53
N VAL A 406 1.01 -4.05 -15.26
CA VAL A 406 2.39 -3.79 -14.87
C VAL A 406 2.86 -4.95 -14.00
N PHE A 407 4.01 -5.52 -14.34
CA PHE A 407 4.71 -6.50 -13.53
C PHE A 407 6.06 -5.94 -13.04
N HIS A 408 6.50 -6.42 -11.88
CA HIS A 408 7.75 -5.96 -11.27
C HIS A 408 8.41 -7.16 -10.63
N GLY A 409 9.72 -7.33 -10.83
CA GLY A 409 10.37 -8.46 -10.20
C GLY A 409 11.87 -8.32 -10.25
N VAL A 410 12.54 -9.30 -9.66
CA VAL A 410 14.00 -9.31 -9.66
C VAL A 410 14.51 -9.73 -11.04
N LEU A 411 15.70 -9.24 -11.36
CA LEU A 411 16.37 -9.48 -12.65
C LEU A 411 17.79 -9.95 -12.32
N THR A 412 18.11 -11.17 -12.73
CA THR A 412 19.40 -11.78 -12.43
C THR A 412 20.27 -11.96 -13.67
N ASP A 413 20.01 -11.17 -14.72
CA ASP A 413 20.76 -11.22 -15.98
C ASP A 413 21.31 -9.81 -16.22
N ASN A 414 22.60 -9.63 -15.97
CA ASN A 414 23.25 -8.32 -16.08
C ASN A 414 23.46 -7.83 -17.51
ZN ZN B . -1.69 6.48 9.37
N1 ITO C . 3.09 -20.45 0.59
C7 ITO C . 3.51 -19.20 0.77
O1 ITO C . 6.68 -17.42 2.11
C1 ITO C . 4.76 -21.11 2.22
O5 ITO C . 1.41 -17.68 0.45
C5 ITO C . 3.37 -22.77 1.14
C6 ITO C . 3.73 -21.42 1.32
C4 ITO C . 4.04 -23.76 1.79
O4 ITO C . 3.55 -17.03 -0.66
C3 ITO C . 5.06 -23.44 2.69
O3 ITO C . 2.11 -18.88 -1.67
C2 ITO C . 5.42 -22.14 2.91
N ITO C . 5.18 -19.81 2.41
C ITO C . 4.55 -18.86 1.71
O ITO C . 4.77 -16.88 3.72
O2 ITO C . 4.59 -16.29 1.28
P ITO C . 5.17 -17.26 2.34
P1 ITO C . 2.57 -18.18 -0.43
CL ITO C . 5.87 -24.70 3.58
CL1 ITO C . 3.68 -25.42 1.40
H ITO C . 7.44 -17.04 2.64
H5 ITO C . 0.92 -16.83 0.23
H3 ITO C . 2.54 -23.02 0.46
H4 ITO C . 3.29 -16.11 -0.91
H2 ITO C . 6.22 -21.91 3.62
H1 ITO C . 4.90 -16.34 0.34
C1 144 D . 3.92 -13.42 1.99
N 144 D . 2.46 -13.23 2.03
C2 144 D . 1.84 -14.02 0.77
O2 144 D . 0.43 -13.87 0.76
C3 144 D . 2.26 -11.64 1.78
O3 144 D . 2.65 -11.35 0.49
C4 144 D . 1.85 -13.69 3.44
O4 144 D . 2.40 -12.97 4.49
H11 144 D . 4.15 -13.91 2.95
H12 144 D . 4.11 -14.03 1.10
H13 144 D . 4.33 -12.39 1.92
H21 144 D . 2.14 -15.06 0.96
H22 144 D . 2.31 -13.53 -0.09
HO2 144 D . 0.11 -14.50 0.05
H31 144 D . 1.19 -11.44 2.01
H32 144 D . 2.83 -11.14 2.59
HO3 144 D . 2.67 -10.39 0.40
H41 144 D . 2.09 -14.77 3.40
H42 144 D . 0.79 -13.51 3.24
HO4 144 D . 1.99 -13.22 5.38
N1 ITO E . -0.91 4.75 12.69
C7 ITO E . 0.00 5.77 12.80
O1 ITO E . 3.89 5.77 13.54
C1 ITO E . 0.84 3.20 13.31
O5 ITO E . -0.50 8.16 13.47
C5 ITO E . -1.38 2.39 12.78
C6 ITO E . -0.49 3.47 12.96
C4 ITO E . -0.92 1.10 12.88
O4 ITO E . 0.75 7.95 11.33
C3 ITO E . 0.43 0.85 13.04
O3 ITO E . -1.70 7.65 11.31
C2 ITO E . 1.29 1.86 13.34
N ITO E . 1.74 4.20 13.53
C ITO E . 1.30 5.43 13.32
O ITO E . 2.58 6.64 15.53
O2 ITO E . 2.39 7.77 13.24
P ITO E . 2.61 6.46 14.04
P1 ITO E . -0.46 7.41 12.12
CL ITO E . 1.09 -0.69 12.61
CL1 ITO E . -2.06 -0.19 13.03
H ITO E . 4.10 5.41 12.64
H5 ITO E . -0.40 7.68 14.34
H3 ITO E . -2.43 2.59 12.58
H4 ITO E . 0.75 8.08 10.35
H2 ITO E . 2.32 1.65 13.61
H1 ITO E . 2.64 7.81 12.28
CA CA F . -0.71 14.90 -2.63
#